data_8CGC
#
_entry.id   8CGC
#
_cell.length_a   81.013
_cell.length_b   81.013
_cell.length_c   143.237
_cell.angle_alpha   90.000
_cell.angle_beta   90.000
_cell.angle_gamma   120.000
#
_symmetry.space_group_name_H-M   'H 3'
#
loop_
_entity.id
_entity.type
_entity.pdbx_description
1 polymer 'Macrophage colony-stimulating factor 1 receptor'
2 non-polymer '(2S)-2-hydroxybutanedioic acid'
3 non-polymer GLYCEROL
4 non-polymer [4-[4-[methyl-[(3-methylphenyl)methyl]amino]-7~{H}-pyrrolo[2,3-d]pyrimidin-6-yl]phenyl]methanol
5 water water
#
_entity_poly.entity_id   1
_entity_poly.type   'polypeptide(L)'
_entity_poly.pdbx_seq_one_letter_code
;MKKGHHHHHHGQKPKYQVRWKIIESYEGNSYTFIDPTQLPYNEKWEFPRNNLQFGKTLGAGAFGKVVEATAFGLGKEDAV
LKVAVKMLKSTAHADEKEALMSELKIMSHLGQHENIVNLLGACTHGGPVLVITEYCCYGDLLNFLRRKAEAMLGPSLSPG
QDPEGLDKEDGRPLELRDLLHFSSQVAQGMAFLASKNCIHRDVAARNVLLTNGHVAKIGDFGLARDIMNDSNYIVKGNAR
LPVKWMAPESIFDCVYTVQSDVWSYGILLWEIFSLGLNPYPGILVNSKFYKLVKDGYQMAQPAFAPKNIYSIMQACWALE
PTHRPTFQQICSFLQEQAQEDRR
;
_entity_poly.pdbx_strand_id   A
#
# COMPACT_ATOMS: atom_id res chain seq x y z
N GLN A 17 -6.61 2.88 12.11
CA GLN A 17 -7.33 2.94 10.81
C GLN A 17 -6.38 2.52 9.68
N VAL A 18 -6.97 2.14 8.54
CA VAL A 18 -6.22 1.88 7.33
C VAL A 18 -6.53 3.00 6.34
N ARG A 19 -5.97 4.19 6.63
CA ARG A 19 -5.79 5.22 5.63
C ARG A 19 -4.38 5.80 5.79
N TRP A 20 -3.83 6.33 4.70
CA TRP A 20 -2.57 7.03 4.80
C TRP A 20 -2.76 8.23 5.73
N LYS A 21 -1.67 8.60 6.40
CA LYS A 21 -1.68 9.68 7.37
C LYS A 21 -0.26 10.24 7.54
N ILE A 22 -0.17 11.58 7.57
CA ILE A 22 1.06 12.27 7.88
C ILE A 22 1.16 12.38 9.38
N ILE A 23 2.30 11.92 9.91
CA ILE A 23 2.59 12.02 11.32
C ILE A 23 3.68 13.07 11.53
N GLU A 24 3.71 13.60 12.76
CA GLU A 24 4.69 14.60 13.12
C GLU A 24 5.90 13.84 13.64
N SER A 25 7.06 14.05 13.02
CA SER A 25 8.28 13.36 13.43
C SER A 25 9.52 14.21 13.12
N TYR A 26 10.47 14.16 14.06
CA TYR A 26 11.76 14.83 13.96
C TYR A 26 12.91 13.82 14.13
N GLU A 27 12.63 12.69 14.79
CA GLU A 27 13.53 11.56 14.85
C GLU A 27 14.32 11.45 13.54
N GLY A 28 15.64 11.60 13.64
CA GLY A 28 16.53 11.43 12.51
C GLY A 28 16.40 12.58 11.51
N ASN A 29 16.19 12.22 10.24
CA ASN A 29 16.41 13.13 9.13
C ASN A 29 15.11 13.77 8.68
N SER A 30 13.98 13.31 9.23
CA SER A 30 12.68 13.86 8.85
C SER A 30 12.42 15.15 9.64
N TYR A 31 11.66 16.04 9.01
CA TYR A 31 11.24 17.29 9.66
C TYR A 31 9.86 17.68 9.14
N THR A 32 8.92 17.75 10.08
CA THR A 32 7.55 18.14 9.83
C THR A 32 7.48 19.65 9.84
N PHE A 33 7.37 20.26 8.65
CA PHE A 33 7.11 21.68 8.53
C PHE A 33 5.60 21.93 8.62
N ILE A 34 4.81 21.08 7.94
CA ILE A 34 3.36 21.25 7.91
C ILE A 34 2.61 19.91 7.74
N ASP A 35 1.49 19.75 8.45
N ASP A 35 1.47 19.80 8.43
CA ASP A 35 0.54 18.67 8.20
CA ASP A 35 0.52 18.71 8.23
C ASP A 35 -0.50 19.15 7.19
C ASP A 35 -0.51 19.15 7.19
N PRO A 36 -0.49 18.63 5.93
CA PRO A 36 -1.42 19.09 4.88
C PRO A 36 -2.91 18.82 5.12
N THR A 37 -3.22 17.91 6.05
CA THR A 37 -4.60 17.59 6.40
C THR A 37 -5.19 18.69 7.27
N GLN A 38 -4.34 19.55 7.87
CA GLN A 38 -4.79 20.60 8.77
C GLN A 38 -5.26 21.84 8.02
N LEU A 39 -4.88 21.93 6.73
CA LEU A 39 -5.19 23.09 5.91
C LEU A 39 -6.20 22.71 4.84
N PRO A 40 -7.11 23.62 4.40
CA PRO A 40 -7.86 23.43 3.14
C PRO A 40 -6.95 23.26 1.92
N TYR A 41 -7.56 23.16 0.72
CA TYR A 41 -7.00 22.42 -0.40
C TYR A 41 -6.54 23.32 -1.56
N ASN A 42 -5.61 22.78 -2.37
CA ASN A 42 -4.97 23.49 -3.47
C ASN A 42 -5.75 23.35 -4.78
N GLU A 43 -6.37 24.47 -5.23
CA GLU A 43 -7.29 24.45 -6.36
C GLU A 43 -6.56 24.34 -7.71
N LYS A 44 -5.23 24.14 -7.69
CA LYS A 44 -4.50 23.85 -8.92
C LYS A 44 -4.89 22.48 -9.49
N TRP A 45 -5.42 21.60 -8.65
CA TRP A 45 -5.74 20.26 -9.11
C TRP A 45 -7.11 20.20 -9.80
N GLU A 46 -7.89 21.29 -9.76
CA GLU A 46 -9.25 21.23 -10.29
C GLU A 46 -9.27 20.83 -11.76
N PHE A 47 -10.27 20.02 -12.11
CA PHE A 47 -10.41 19.52 -13.47
C PHE A 47 -11.90 19.54 -13.80
N PRO A 48 -12.29 19.82 -15.07
CA PRO A 48 -13.71 19.80 -15.46
C PRO A 48 -14.33 18.40 -15.38
N ARG A 49 -15.32 18.28 -14.49
CA ARG A 49 -16.08 17.07 -14.22
C ARG A 49 -16.79 16.56 -15.48
N ASN A 50 -17.14 17.49 -16.39
CA ASN A 50 -17.82 17.12 -17.62
C ASN A 50 -16.81 16.58 -18.64
N ASN A 51 -15.50 16.74 -18.37
CA ASN A 51 -14.47 16.21 -19.24
C ASN A 51 -13.97 14.84 -18.78
N LEU A 52 -14.72 14.16 -17.91
CA LEU A 52 -14.52 12.73 -17.63
C LEU A 52 -15.70 11.95 -18.19
N GLN A 53 -15.43 10.83 -18.87
CA GLN A 53 -16.46 9.84 -19.10
C GLN A 53 -16.16 8.54 -18.33
N PHE A 54 -17.10 8.09 -17.50
CA PHE A 54 -16.91 6.95 -16.61
C PHE A 54 -17.11 5.63 -17.35
N GLY A 55 -16.34 4.62 -16.91
CA GLY A 55 -16.46 3.25 -17.36
C GLY A 55 -16.77 2.33 -16.18
N LYS A 56 -16.12 1.15 -16.17
CA LYS A 56 -16.49 0.08 -15.25
C LYS A 56 -15.86 0.33 -13.88
N THR A 57 -16.51 -0.24 -12.86
CA THR A 57 -16.02 -0.18 -11.50
C THR A 57 -14.78 -1.06 -11.37
N LEU A 58 -13.72 -0.48 -10.80
CA LEU A 58 -12.49 -1.21 -10.57
C LEU A 58 -12.56 -1.78 -9.15
N GLY A 59 -13.28 -1.11 -8.26
CA GLY A 59 -13.57 -1.70 -6.97
C GLY A 59 -14.50 -0.83 -6.14
N ALA A 60 -15.02 -1.41 -5.04
CA ALA A 60 -15.95 -0.73 -4.18
C ALA A 60 -15.90 -1.30 -2.76
N GLY A 61 -16.28 -0.46 -1.80
CA GLY A 61 -16.43 -0.83 -0.40
C GLY A 61 -17.63 -0.14 0.25
N ALA A 62 -17.58 0.00 1.57
CA ALA A 62 -18.71 0.48 2.36
C ALA A 62 -19.16 1.89 1.96
N PHE A 63 -18.22 2.79 1.65
CA PHE A 63 -18.61 4.19 1.47
C PHE A 63 -18.11 4.76 0.14
N GLY A 64 -17.40 3.96 -0.66
CA GLY A 64 -16.69 4.52 -1.78
C GLY A 64 -16.50 3.53 -2.92
N LYS A 65 -16.07 4.08 -4.05
CA LYS A 65 -15.89 3.27 -5.25
C LYS A 65 -14.85 3.93 -6.17
N VAL A 66 -14.20 3.11 -6.99
CA VAL A 66 -13.22 3.57 -7.98
C VAL A 66 -13.67 3.06 -9.34
N VAL A 67 -13.65 3.94 -10.35
CA VAL A 67 -14.06 3.59 -11.71
C VAL A 67 -12.97 4.02 -12.68
N GLU A 68 -12.83 3.29 -13.77
CA GLU A 68 -11.95 3.73 -14.81
C GLU A 68 -12.68 4.78 -15.65
N ALA A 69 -11.91 5.69 -16.21
CA ALA A 69 -12.50 6.82 -16.92
C ALA A 69 -11.50 7.32 -17.92
N THR A 70 -12.01 8.04 -18.93
CA THR A 70 -11.19 8.81 -19.84
C THR A 70 -11.31 10.27 -19.42
N ALA A 71 -10.17 10.96 -19.36
CA ALA A 71 -10.11 12.37 -18.96
C ALA A 71 -9.66 13.20 -20.17
N PHE A 72 -10.45 14.24 -20.47
CA PHE A 72 -10.22 15.01 -21.69
C PHE A 72 -9.53 16.32 -21.30
N GLY A 73 -8.28 16.48 -21.73
CA GLY A 73 -7.57 17.73 -21.54
C GLY A 73 -6.95 17.87 -20.15
N LEU A 74 -6.36 16.77 -19.66
CA LEU A 74 -5.82 16.73 -18.31
C LEU A 74 -4.32 17.01 -18.36
N GLY A 75 -3.87 17.98 -17.55
CA GLY A 75 -2.46 18.32 -17.47
C GLY A 75 -2.05 19.26 -18.62
N LYS A 76 -0.83 19.79 -18.50
CA LYS A 76 -0.32 20.82 -19.39
C LYS A 76 -0.40 20.36 -20.85
N GLU A 77 -0.22 19.05 -21.08
CA GLU A 77 -0.11 18.51 -22.43
C GLU A 77 -1.49 18.23 -23.04
N ASP A 78 -2.59 18.53 -22.33
CA ASP A 78 -3.94 18.42 -22.87
C ASP A 78 -4.18 17.02 -23.43
N ALA A 79 -3.57 16.00 -22.83
CA ALA A 79 -3.72 14.63 -23.30
C ALA A 79 -5.13 14.14 -23.03
N VAL A 80 -5.60 13.23 -23.89
CA VAL A 80 -6.69 12.33 -23.56
C VAL A 80 -6.03 11.09 -22.96
N LEU A 81 -6.44 10.65 -21.75
CA LEU A 81 -5.88 9.40 -21.26
C LEU A 81 -6.79 8.73 -20.23
N LYS A 82 -6.50 7.44 -20.04
CA LYS A 82 -7.28 6.59 -19.17
C LYS A 82 -6.78 6.86 -17.75
N VAL A 83 -7.71 6.99 -16.82
CA VAL A 83 -7.39 7.32 -15.45
C VAL A 83 -8.29 6.46 -14.57
N ALA A 84 -8.04 6.56 -13.27
CA ALA A 84 -8.91 6.00 -12.27
C ALA A 84 -9.51 7.15 -11.49
N VAL A 85 -10.80 7.05 -11.21
CA VAL A 85 -11.51 8.04 -10.44
C VAL A 85 -12.07 7.43 -9.16
N LYS A 86 -11.78 8.09 -8.04
CA LYS A 86 -12.25 7.68 -6.74
C LYS A 86 -13.35 8.63 -6.30
N MET A 87 -14.39 8.06 -5.70
CA MET A 87 -15.53 8.85 -5.29
C MET A 87 -16.27 8.11 -4.17
N LEU A 88 -17.05 8.87 -3.42
CA LEU A 88 -17.85 8.27 -2.38
C LEU A 88 -19.16 7.82 -3.01
N LYS A 89 -19.80 6.83 -2.39
CA LYS A 89 -21.19 6.52 -2.63
C LYS A 89 -22.04 7.64 -2.07
N SER A 90 -23.17 7.92 -2.74
CA SER A 90 -24.09 8.96 -2.32
C SER A 90 -24.53 8.73 -0.88
N THR A 91 -24.38 7.48 -0.38
CA THR A 91 -24.79 7.12 0.97
C THR A 91 -23.72 7.47 2.00
N ALA A 92 -22.58 8.03 1.58
CA ALA A 92 -21.47 8.26 2.51
C ALA A 92 -21.83 9.36 3.51
N HIS A 93 -21.41 9.19 4.77
CA HIS A 93 -21.58 10.17 5.83
C HIS A 93 -20.49 11.23 5.70
N ALA A 94 -20.63 12.34 6.46
CA ALA A 94 -19.68 13.45 6.42
C ALA A 94 -18.26 12.99 6.76
N ASP A 95 -18.13 12.07 7.73
CA ASP A 95 -16.81 11.62 8.16
C ASP A 95 -16.07 10.95 6.99
N GLU A 96 -16.80 10.21 6.14
CA GLU A 96 -16.23 9.62 4.94
C GLU A 96 -15.84 10.73 3.95
N LYS A 97 -16.65 11.78 3.82
CA LYS A 97 -16.31 12.89 2.93
C LYS A 97 -15.00 13.56 3.35
N GLU A 98 -14.86 13.78 4.65
CA GLU A 98 -13.66 14.37 5.23
C GLU A 98 -12.45 13.50 4.93
N ALA A 99 -12.59 12.19 5.12
CA ALA A 99 -11.49 11.27 4.89
C ALA A 99 -11.06 11.30 3.41
N LEU A 100 -11.99 11.48 2.49
CA LEU A 100 -11.57 11.56 1.10
C LEU A 100 -10.80 12.86 0.86
N MET A 101 -11.26 13.96 1.45
CA MET A 101 -10.58 15.24 1.24
C MET A 101 -9.18 15.18 1.86
N SER A 102 -9.06 14.47 2.98
CA SER A 102 -7.78 14.28 3.64
C SER A 102 -6.80 13.53 2.75
N GLU A 103 -7.29 12.47 2.09
CA GLU A 103 -6.43 11.72 1.19
C GLU A 103 -5.99 12.59 0.02
N LEU A 104 -6.91 13.40 -0.52
CA LEU A 104 -6.59 14.34 -1.59
C LEU A 104 -5.51 15.32 -1.15
N LYS A 105 -5.64 15.88 0.06
CA LYS A 105 -4.66 16.83 0.60
C LYS A 105 -3.29 16.18 0.78
N ILE A 106 -3.26 14.90 1.22
CA ILE A 106 -2.00 14.20 1.42
C ILE A 106 -1.34 13.98 0.06
N MET A 107 -2.15 13.52 -0.91
CA MET A 107 -1.63 13.22 -2.22
C MET A 107 -1.21 14.51 -2.95
N SER A 108 -1.86 15.64 -2.64
CA SER A 108 -1.44 16.91 -3.24
C SER A 108 -0.12 17.38 -2.62
N HIS A 109 0.17 16.94 -1.38
CA HIS A 109 1.35 17.33 -0.64
C HIS A 109 2.56 16.46 -0.98
N LEU A 110 2.36 15.16 -1.20
CA LEU A 110 3.46 14.22 -1.29
C LEU A 110 4.37 14.55 -2.47
N GLY A 111 3.81 14.99 -3.59
CA GLY A 111 4.57 15.05 -4.82
C GLY A 111 4.60 13.69 -5.53
N GLN A 112 5.09 13.69 -6.76
CA GLN A 112 5.03 12.53 -7.63
C GLN A 112 6.18 11.57 -7.30
N HIS A 113 5.94 10.27 -7.53
CA HIS A 113 6.98 9.27 -7.43
C HIS A 113 6.63 8.10 -8.33
N GLU A 114 7.63 7.45 -8.91
CA GLU A 114 7.33 6.42 -9.89
C GLU A 114 6.62 5.20 -9.26
N ASN A 115 6.75 4.99 -7.96
CA ASN A 115 6.17 3.78 -7.36
C ASN A 115 4.96 4.12 -6.48
N ILE A 116 4.37 5.29 -6.73
CA ILE A 116 3.09 5.68 -6.14
C ILE A 116 2.04 5.78 -7.23
N VAL A 117 0.80 5.45 -6.89
CA VAL A 117 -0.34 5.81 -7.74
C VAL A 117 -0.62 7.32 -7.59
N ASN A 118 -0.04 8.12 -8.49
CA ASN A 118 -0.01 9.57 -8.38
C ASN A 118 -1.37 10.21 -8.64
N LEU A 119 -1.61 11.28 -7.89
CA LEU A 119 -2.72 12.18 -8.10
C LEU A 119 -2.56 12.94 -9.42
N LEU A 120 -3.64 13.05 -10.19
CA LEU A 120 -3.60 13.76 -11.45
C LEU A 120 -4.55 14.95 -11.43
N GLY A 121 -5.58 14.90 -10.59
CA GLY A 121 -6.59 15.94 -10.61
C GLY A 121 -7.68 15.63 -9.58
N ALA A 122 -8.56 16.61 -9.38
CA ALA A 122 -9.75 16.40 -8.59
C ALA A 122 -10.88 17.24 -9.18
N CYS A 123 -12.10 16.85 -8.81
CA CYS A 123 -13.27 17.66 -9.13
C CYS A 123 -13.97 17.85 -7.81
N THR A 124 -13.84 19.03 -7.21
CA THR A 124 -14.37 19.24 -5.88
C THR A 124 -15.47 20.31 -5.90
N HIS A 125 -15.84 20.83 -7.09
CA HIS A 125 -16.96 21.77 -7.18
C HIS A 125 -18.01 21.26 -8.18
N GLY A 126 -19.28 21.63 -7.92
CA GLY A 126 -20.39 21.37 -8.82
C GLY A 126 -20.88 19.93 -8.76
N GLY A 127 -20.72 19.29 -7.58
CA GLY A 127 -21.10 17.91 -7.43
C GLY A 127 -20.19 17.18 -6.44
N PRO A 128 -20.33 15.85 -6.30
CA PRO A 128 -19.52 15.10 -5.34
C PRO A 128 -18.04 15.10 -5.74
N VAL A 129 -17.17 15.02 -4.72
CA VAL A 129 -15.73 15.06 -4.88
C VAL A 129 -15.27 13.85 -5.68
N LEU A 130 -14.52 14.11 -6.75
CA LEU A 130 -13.84 13.06 -7.48
C LEU A 130 -12.34 13.27 -7.30
N VAL A 131 -11.61 12.17 -7.07
CA VAL A 131 -10.14 12.17 -7.06
C VAL A 131 -9.63 11.36 -8.23
N ILE A 132 -8.85 12.01 -9.09
CA ILE A 132 -8.40 11.42 -10.33
C ILE A 132 -6.94 11.01 -10.16
N THR A 133 -6.63 9.74 -10.44
CA THR A 133 -5.30 9.24 -10.20
C THR A 133 -4.84 8.51 -11.46
N GLU A 134 -3.58 8.11 -11.44
CA GLU A 134 -3.07 7.22 -12.47
C GLU A 134 -3.87 5.92 -12.47
N TYR A 135 -3.99 5.34 -13.67
CA TYR A 135 -4.63 4.05 -13.86
C TYR A 135 -3.53 3.01 -14.08
N CYS A 136 -3.61 1.92 -13.32
CA CYS A 136 -2.66 0.81 -13.40
C CYS A 136 -3.29 -0.38 -14.13
N CYS A 137 -2.73 -0.73 -15.29
CA CYS A 137 -3.45 -1.57 -16.22
C CYS A 137 -3.46 -3.07 -15.86
N TYR A 138 -2.56 -3.53 -14.98
CA TYR A 138 -2.46 -4.96 -14.72
C TYR A 138 -3.09 -5.40 -13.39
N GLY A 139 -3.65 -4.50 -12.60
CA GLY A 139 -4.37 -4.91 -11.41
C GLY A 139 -3.43 -5.28 -10.27
N ASP A 140 -3.93 -6.04 -9.30
CA ASP A 140 -3.23 -6.19 -8.03
C ASP A 140 -2.17 -7.29 -8.07
N LEU A 141 -1.09 -7.04 -7.32
CA LEU A 141 0.05 -7.93 -7.22
C LEU A 141 -0.35 -9.31 -6.70
N LEU A 142 -1.23 -9.36 -5.69
CA LEU A 142 -1.51 -10.66 -5.12
C LEU A 142 -2.17 -11.59 -6.13
N ASN A 143 -3.16 -11.08 -6.86
CA ASN A 143 -3.84 -11.93 -7.83
C ASN A 143 -2.92 -12.29 -8.96
N PHE A 144 -2.03 -11.36 -9.34
CA PHE A 144 -1.00 -11.66 -10.32
C PHE A 144 -0.13 -12.83 -9.87
N LEU A 145 0.38 -12.79 -8.63
CA LEU A 145 1.22 -13.85 -8.11
C LEU A 145 0.45 -15.17 -8.06
N ARG A 146 -0.79 -15.11 -7.62
CA ARG A 146 -1.59 -16.32 -7.49
C ARG A 146 -1.87 -16.97 -8.85
N ARG A 147 -2.03 -16.16 -9.91
CA ARG A 147 -2.20 -16.73 -11.23
C ARG A 147 -0.88 -17.36 -11.72
N LYS A 148 0.27 -16.76 -11.37
CA LYS A 148 1.53 -17.35 -11.79
C LYS A 148 1.85 -18.59 -10.97
N ALA A 149 1.40 -18.68 -9.72
CA ALA A 149 1.57 -19.91 -8.97
C ALA A 149 0.70 -21.02 -9.59
N GLU A 150 -0.60 -20.72 -9.78
CA GLU A 150 -1.59 -21.62 -10.37
C GLU A 150 -1.07 -22.24 -11.67
N ALA A 151 -0.36 -21.45 -12.49
CA ALA A 151 0.06 -21.88 -13.81
C ALA A 151 1.07 -23.02 -13.68
N MET A 152 1.85 -23.01 -12.60
N MET A 152 1.88 -22.99 -12.61
CA MET A 152 2.88 -24.01 -12.37
CA MET A 152 2.88 -24.01 -12.35
C MET A 152 2.26 -25.40 -12.10
C MET A 152 2.25 -25.40 -12.13
N LEU A 153 0.99 -25.44 -11.68
CA LEU A 153 0.36 -26.68 -11.23
C LEU A 153 -0.23 -27.47 -12.40
N GLY A 154 -0.50 -26.80 -13.54
CA GLY A 154 -0.97 -27.43 -14.76
C GLY A 154 -0.22 -26.94 -15.99
N GLY A 171 2.09 -15.75 -19.64
CA GLY A 171 2.81 -16.86 -20.29
C GLY A 171 4.05 -17.30 -19.48
N ARG A 172 5.16 -16.57 -19.64
CA ARG A 172 6.46 -17.05 -19.21
C ARG A 172 6.49 -17.04 -17.69
N PRO A 173 7.09 -18.06 -17.03
CA PRO A 173 7.07 -18.15 -15.57
C PRO A 173 7.81 -16.96 -14.96
N LEU A 174 7.52 -16.67 -13.70
CA LEU A 174 8.32 -15.70 -12.96
C LEU A 174 9.72 -16.23 -12.73
N GLU A 175 10.65 -15.28 -12.59
CA GLU A 175 12.03 -15.50 -12.23
C GLU A 175 12.30 -14.73 -10.95
N LEU A 176 13.36 -15.11 -10.24
CA LEU A 176 13.82 -14.40 -9.06
C LEU A 176 13.95 -12.90 -9.33
N ARG A 177 14.47 -12.52 -10.50
N ARG A 177 14.50 -12.56 -10.50
CA ARG A 177 14.64 -11.11 -10.79
CA ARG A 177 14.63 -11.19 -10.95
C ARG A 177 13.29 -10.38 -10.75
C ARG A 177 13.32 -10.43 -10.75
N ASP A 178 12.20 -11.03 -11.18
CA ASP A 178 10.88 -10.38 -11.17
C ASP A 178 10.42 -10.11 -9.72
N LEU A 179 10.64 -11.09 -8.84
CA LEU A 179 10.24 -10.97 -7.45
C LEU A 179 11.08 -9.90 -6.77
N LEU A 180 12.35 -9.78 -7.16
CA LEU A 180 13.23 -8.77 -6.60
C LEU A 180 12.79 -7.39 -7.05
N HIS A 181 12.36 -7.27 -8.32
CA HIS A 181 11.89 -6.00 -8.83
C HIS A 181 10.65 -5.55 -8.07
N PHE A 182 9.69 -6.46 -7.91
CA PHE A 182 8.47 -6.08 -7.21
C PHE A 182 8.84 -5.57 -5.80
N SER A 183 9.71 -6.31 -5.11
CA SER A 183 10.12 -6.01 -3.74
C SER A 183 10.80 -4.63 -3.69
N SER A 184 11.70 -4.37 -4.65
CA SER A 184 12.41 -3.10 -4.71
C SER A 184 11.47 -1.94 -5.00
N GLN A 185 10.54 -2.15 -5.94
CA GLN A 185 9.61 -1.10 -6.36
C GLN A 185 8.74 -0.68 -5.17
N VAL A 186 8.24 -1.67 -4.41
CA VAL A 186 7.42 -1.31 -3.28
C VAL A 186 8.30 -0.64 -2.22
N ALA A 187 9.51 -1.16 -1.98
CA ALA A 187 10.36 -0.54 -0.97
C ALA A 187 10.72 0.90 -1.33
N GLN A 188 10.87 1.21 -2.64
CA GLN A 188 11.16 2.58 -3.05
C GLN A 188 9.96 3.49 -2.80
N GLY A 189 8.77 3.02 -3.14
CA GLY A 189 7.58 3.75 -2.77
C GLY A 189 7.50 4.04 -1.26
N MET A 190 7.79 3.01 -0.46
CA MET A 190 7.65 3.12 0.99
C MET A 190 8.74 4.04 1.53
N ALA A 191 9.93 3.97 0.94
CA ALA A 191 11.01 4.88 1.32
C ALA A 191 10.62 6.33 1.04
N PHE A 192 9.92 6.55 -0.06
CA PHE A 192 9.40 7.89 -0.36
C PHE A 192 8.38 8.35 0.71
N LEU A 193 7.39 7.48 1.02
CA LEU A 193 6.40 7.81 2.04
C LEU A 193 7.11 8.13 3.35
N ALA A 194 8.06 7.28 3.75
CA ALA A 194 8.80 7.48 4.97
C ALA A 194 9.53 8.84 4.99
N SER A 195 10.09 9.27 3.85
CA SER A 195 10.79 10.55 3.77
C SER A 195 9.85 11.75 3.97
N LYS A 196 8.53 11.56 3.80
CA LYS A 196 7.54 12.62 3.98
C LYS A 196 6.74 12.40 5.27
N ASN A 197 7.18 11.47 6.13
CA ASN A 197 6.49 11.14 7.38
C ASN A 197 5.05 10.68 7.13
N CYS A 198 4.84 9.90 6.06
CA CYS A 198 3.53 9.36 5.75
C CYS A 198 3.54 7.88 6.10
N ILE A 199 2.59 7.48 6.94
CA ILE A 199 2.41 6.08 7.26
C ILE A 199 1.29 5.54 6.37
N HIS A 200 1.40 4.26 6.04
CA HIS A 200 0.55 3.63 5.03
C HIS A 200 -0.58 2.91 5.72
N ARG A 201 -0.23 2.01 6.65
CA ARG A 201 -1.12 1.31 7.55
C ARG A 201 -1.81 0.09 6.92
N ASP A 202 -1.59 -0.21 5.63
CA ASP A 202 -2.21 -1.41 5.09
C ASP A 202 -1.31 -1.99 4.01
N VAL A 203 -0.03 -2.15 4.32
CA VAL A 203 0.93 -2.69 3.38
C VAL A 203 0.65 -4.19 3.30
N ALA A 204 0.44 -4.69 2.07
CA ALA A 204 0.00 -6.04 1.79
C ALA A 204 0.02 -6.19 0.27
N ALA A 205 0.27 -7.40 -0.22
CA ALA A 205 0.31 -7.64 -1.65
C ALA A 205 -1.01 -7.28 -2.31
N ARG A 206 -2.11 -7.40 -1.58
CA ARG A 206 -3.40 -7.03 -2.14
C ARG A 206 -3.48 -5.50 -2.42
N ASN A 207 -2.63 -4.70 -1.75
CA ASN A 207 -2.62 -3.25 -1.89
C ASN A 207 -1.40 -2.78 -2.68
N VAL A 208 -0.99 -3.58 -3.67
CA VAL A 208 0.03 -3.17 -4.60
C VAL A 208 -0.58 -3.35 -5.98
N LEU A 209 -0.50 -2.31 -6.81
CA LEU A 209 -0.97 -2.41 -8.17
C LEU A 209 0.21 -2.50 -9.12
N LEU A 210 -0.05 -3.11 -10.30
CA LEU A 210 0.93 -3.25 -11.36
C LEU A 210 0.46 -2.47 -12.59
N THR A 211 1.38 -1.65 -13.12
CA THR A 211 1.11 -0.79 -14.25
C THR A 211 2.01 -1.20 -15.42
N ASN A 212 2.13 -0.32 -16.42
CA ASN A 212 2.88 -0.68 -17.62
C ASN A 212 4.25 -1.18 -17.21
N GLY A 213 4.73 -2.23 -17.89
CA GLY A 213 5.98 -2.88 -17.55
C GLY A 213 5.86 -3.72 -16.27
N HIS A 214 4.63 -3.91 -15.78
CA HIS A 214 4.40 -4.61 -14.51
C HIS A 214 5.22 -3.96 -13.39
N VAL A 215 5.33 -2.62 -13.41
CA VAL A 215 5.99 -1.88 -12.35
C VAL A 215 4.98 -1.71 -11.21
N ALA A 216 5.44 -1.91 -9.98
CA ALA A 216 4.53 -1.84 -8.83
C ALA A 216 4.36 -0.41 -8.39
N LYS A 217 3.12 -0.10 -7.99
CA LYS A 217 2.78 1.17 -7.38
C LYS A 217 1.88 0.96 -6.16
N ILE A 218 2.06 1.84 -5.17
CA ILE A 218 1.24 1.87 -3.97
C ILE A 218 0.39 3.13 -3.94
N GLY A 219 -0.68 3.02 -3.17
CA GLY A 219 -1.64 4.09 -3.01
C GLY A 219 -2.55 3.79 -1.81
N ASP A 220 -3.34 4.79 -1.43
CA ASP A 220 -4.31 4.59 -0.38
C ASP A 220 -5.54 3.95 -1.03
N PHE A 221 -5.68 2.63 -0.93
CA PHE A 221 -6.74 1.95 -1.69
C PHE A 221 -7.96 1.64 -0.83
N GLY A 222 -8.11 2.31 0.32
CA GLY A 222 -9.22 2.00 1.24
C GLY A 222 -10.61 2.04 0.56
N LEU A 223 -10.83 2.99 -0.35
CA LEU A 223 -12.15 3.16 -0.95
C LEU A 223 -12.53 2.02 -1.87
N ALA A 224 -11.53 1.39 -2.51
CA ALA A 224 -11.77 0.26 -3.39
C ALA A 224 -12.03 -1.02 -2.59
N ARG A 225 -11.93 -0.96 -1.26
CA ARG A 225 -11.81 -2.20 -0.51
C ARG A 225 -13.12 -2.51 0.23
N ASP A 226 -13.66 -3.71 0.00
CA ASP A 226 -14.81 -4.23 0.72
C ASP A 226 -14.40 -4.77 2.10
N ILE A 227 -13.97 -3.88 3.00
CA ILE A 227 -13.32 -4.29 4.23
C ILE A 227 -14.27 -5.06 5.16
N MET A 228 -15.55 -4.68 5.17
CA MET A 228 -16.53 -5.24 6.08
C MET A 228 -16.83 -6.71 5.77
N ASN A 229 -16.56 -7.15 4.52
CA ASN A 229 -16.86 -8.51 4.09
C ASN A 229 -15.58 -9.30 3.77
N ASP A 230 -14.43 -8.80 4.20
CA ASP A 230 -13.15 -9.44 3.94
C ASP A 230 -12.58 -10.00 5.24
N SER A 231 -12.39 -11.34 5.28
CA SER A 231 -11.94 -12.02 6.47
C SER A 231 -10.48 -11.67 6.82
N ASN A 232 -9.73 -11.03 5.94
CA ASN A 232 -8.40 -10.56 6.30
C ASN A 232 -8.48 -9.35 7.25
N TYR A 233 -9.65 -8.72 7.39
CA TYR A 233 -9.81 -7.60 8.26
C TYR A 233 -10.66 -7.99 9.47
N ILE A 234 -10.06 -7.91 10.65
CA ILE A 234 -10.56 -8.52 11.87
C ILE A 234 -11.21 -7.42 12.70
N VAL A 235 -12.38 -7.71 13.26
CA VAL A 235 -13.01 -6.73 14.14
C VAL A 235 -12.14 -6.57 15.39
N LYS A 236 -11.81 -5.33 15.72
CA LYS A 236 -11.07 -5.03 16.94
C LYS A 236 -11.79 -3.92 17.70
N GLY A 237 -13.12 -4.10 17.81
CA GLY A 237 -14.01 -3.18 18.48
C GLY A 237 -14.61 -2.16 17.51
N ASN A 238 -14.03 -0.95 17.52
CA ASN A 238 -14.45 0.12 16.63
C ASN A 238 -14.12 -0.25 15.18
N ALA A 239 -13.09 -1.08 14.98
CA ALA A 239 -12.33 -1.08 13.73
C ALA A 239 -12.33 -2.47 13.07
N ARG A 240 -11.83 -2.46 11.84
CA ARG A 240 -11.57 -3.67 11.06
C ARG A 240 -10.13 -3.55 10.58
N LEU A 241 -9.25 -4.42 11.08
CA LEU A 241 -7.82 -4.20 10.97
C LEU A 241 -7.17 -5.44 10.36
N PRO A 242 -6.17 -5.25 9.48
CA PRO A 242 -5.47 -6.37 8.83
C PRO A 242 -4.43 -7.04 9.76
N VAL A 243 -4.93 -7.69 10.80
CA VAL A 243 -4.08 -8.11 11.91
C VAL A 243 -2.88 -8.96 11.50
N LYS A 244 -3.03 -9.89 10.56
CA LYS A 244 -1.91 -10.75 10.18
C LYS A 244 -0.77 -9.94 9.56
N TRP A 245 -1.02 -8.70 9.11
CA TRP A 245 -0.01 -7.83 8.50
C TRP A 245 0.59 -6.85 9.52
N MET A 246 0.05 -6.81 10.76
CA MET A 246 0.32 -5.69 11.66
C MET A 246 1.41 -5.98 12.69
N ALA A 247 2.20 -4.93 13.00
CA ALA A 247 3.25 -5.04 14.00
C ALA A 247 2.62 -5.31 15.37
N PRO A 248 3.28 -6.03 16.28
CA PRO A 248 2.75 -6.28 17.60
C PRO A 248 2.41 -4.98 18.35
N GLU A 249 3.21 -3.92 18.16
CA GLU A 249 2.93 -2.68 18.90
C GLU A 249 1.67 -2.00 18.36
N SER A 250 1.34 -2.25 17.08
CA SER A 250 0.12 -1.75 16.47
C SER A 250 -1.06 -2.49 17.05
N ILE A 251 -0.95 -3.80 17.19
CA ILE A 251 -2.04 -4.61 17.69
C ILE A 251 -2.28 -4.35 19.18
N PHE A 252 -1.21 -4.35 19.97
N PHE A 252 -1.18 -4.33 19.95
CA PHE A 252 -1.39 -4.33 21.40
CA PHE A 252 -1.25 -4.38 21.40
C PHE A 252 -1.59 -2.89 21.86
C PHE A 252 -1.33 -2.99 22.02
N ASP A 253 -0.76 -1.98 21.35
CA ASP A 253 -0.63 -0.64 21.94
C ASP A 253 -1.21 0.46 21.04
N CYS A 254 -1.77 0.10 19.89
CA CYS A 254 -2.33 1.10 18.99
C CYS A 254 -1.28 2.14 18.60
N VAL A 255 -0.05 1.70 18.45
CA VAL A 255 1.06 2.53 18.00
C VAL A 255 1.26 2.24 16.52
N TYR A 256 1.39 3.32 15.73
N TYR A 256 1.19 3.28 15.69
CA TYR A 256 1.40 3.27 14.28
CA TYR A 256 1.46 3.16 14.26
C TYR A 256 2.48 4.21 13.73
C TYR A 256 2.54 4.17 13.89
N THR A 257 3.64 3.65 13.34
CA THR A 257 4.77 4.42 12.87
C THR A 257 5.28 3.88 11.55
N VAL A 258 6.30 4.54 10.99
CA VAL A 258 6.96 4.02 9.81
C VAL A 258 7.55 2.64 10.10
N GLN A 259 8.05 2.39 11.31
N GLN A 259 7.96 2.41 11.36
CA GLN A 259 8.66 1.11 11.59
CA GLN A 259 8.54 1.15 11.80
C GLN A 259 7.58 0.05 11.78
C GLN A 259 7.52 0.03 11.75
N SER A 260 6.33 0.46 12.04
N SER A 260 6.24 0.31 12.07
CA SER A 260 5.20 -0.46 12.00
CA SER A 260 5.23 -0.73 11.97
C SER A 260 4.97 -0.96 10.56
C SER A 260 4.90 -1.02 10.49
N ASP A 261 5.07 -0.02 9.61
CA ASP A 261 4.93 -0.30 8.18
C ASP A 261 6.06 -1.20 7.70
N VAL A 262 7.23 -1.10 8.33
CA VAL A 262 8.35 -1.97 7.99
C VAL A 262 8.01 -3.43 8.31
N TRP A 263 7.44 -3.70 9.49
CA TRP A 263 6.91 -5.02 9.81
C TRP A 263 6.00 -5.54 8.69
N SER A 264 5.05 -4.72 8.27
CA SER A 264 4.05 -5.11 7.30
C SER A 264 4.70 -5.42 5.96
N TYR A 265 5.76 -4.65 5.63
CA TYR A 265 6.52 -4.90 4.42
C TYR A 265 7.18 -6.28 4.46
N GLY A 266 7.62 -6.71 5.64
CA GLY A 266 8.13 -8.06 5.84
C GLY A 266 7.10 -9.14 5.51
N ILE A 267 5.84 -8.92 5.94
CA ILE A 267 4.74 -9.81 5.60
C ILE A 267 4.53 -9.80 4.08
N LEU A 268 4.56 -8.62 3.46
CA LEU A 268 4.39 -8.50 2.01
C LEU A 268 5.46 -9.28 1.26
N LEU A 269 6.73 -9.17 1.69
CA LEU A 269 7.85 -9.91 1.10
C LEU A 269 7.60 -11.41 1.21
N TRP A 270 7.05 -11.85 2.36
CA TRP A 270 6.67 -13.24 2.48
C TRP A 270 5.63 -13.65 1.46
N GLU A 271 4.63 -12.78 1.25
CA GLU A 271 3.60 -13.03 0.25
C GLU A 271 4.22 -13.11 -1.14
N ILE A 272 5.16 -12.22 -1.43
CA ILE A 272 5.74 -12.21 -2.77
C ILE A 272 6.52 -13.50 -3.04
N PHE A 273 7.41 -13.87 -2.10
CA PHE A 273 8.29 -15.00 -2.33
C PHE A 273 7.59 -16.35 -2.13
N SER A 274 6.37 -16.34 -1.57
CA SER A 274 5.55 -17.54 -1.50
C SER A 274 4.59 -17.61 -2.70
N LEU A 275 4.67 -16.64 -3.65
CA LEU A 275 3.70 -16.55 -4.74
C LEU A 275 2.27 -16.54 -4.20
N GLY A 276 2.06 -15.76 -3.13
CA GLY A 276 0.75 -15.34 -2.73
C GLY A 276 0.04 -16.26 -1.74
N LEU A 277 0.79 -17.01 -0.92
CA LEU A 277 0.12 -17.78 0.11
C LEU A 277 -0.49 -16.79 1.11
N ASN A 278 -1.49 -17.26 1.85
CA ASN A 278 -2.09 -16.50 2.94
C ASN A 278 -1.11 -16.49 4.09
N PRO A 279 -0.76 -15.35 4.74
CA PRO A 279 0.16 -15.40 5.88
C PRO A 279 -0.38 -16.29 7.00
N TYR A 280 0.56 -16.80 7.79
CA TYR A 280 0.31 -17.70 8.89
C TYR A 280 -0.64 -18.82 8.49
N PRO A 281 -0.28 -19.63 7.49
CA PRO A 281 -1.23 -20.56 6.93
C PRO A 281 -1.89 -21.48 7.96
N GLY A 282 -3.22 -21.49 7.92
CA GLY A 282 -4.03 -22.36 8.75
C GLY A 282 -4.07 -21.94 10.22
N ILE A 283 -3.46 -20.79 10.57
CA ILE A 283 -3.51 -20.30 11.95
C ILE A 283 -4.68 -19.35 12.07
N LEU A 284 -5.61 -19.60 13.01
CA LEU A 284 -6.77 -18.72 13.16
C LEU A 284 -6.33 -17.43 13.86
N VAL A 285 -6.96 -16.28 13.56
CA VAL A 285 -6.67 -15.10 14.36
C VAL A 285 -7.48 -15.14 15.65
N ASN A 286 -6.78 -15.15 16.78
CA ASN A 286 -7.42 -15.20 18.08
C ASN A 286 -6.33 -14.99 19.12
N SER A 287 -6.58 -15.38 20.36
N SER A 287 -6.65 -15.34 20.36
CA SER A 287 -5.70 -15.05 21.46
CA SER A 287 -5.79 -15.16 21.52
C SER A 287 -4.40 -15.85 21.36
C SER A 287 -4.44 -15.82 21.29
N LYS A 288 -4.45 -17.09 20.87
CA LYS A 288 -3.24 -17.87 20.67
C LYS A 288 -2.32 -17.17 19.66
N PHE A 289 -2.91 -16.54 18.63
CA PHE A 289 -2.15 -15.91 17.55
C PHE A 289 -1.41 -14.69 18.11
N TYR A 290 -2.12 -13.89 18.91
CA TYR A 290 -1.50 -12.70 19.48
C TYR A 290 -0.32 -13.05 20.37
N LYS A 291 -0.46 -14.14 21.14
CA LYS A 291 0.59 -14.63 22.02
C LYS A 291 1.77 -15.17 21.22
N LEU A 292 1.51 -15.90 20.11
CA LEU A 292 2.57 -16.38 19.22
C LEU A 292 3.43 -15.21 18.78
N VAL A 293 2.78 -14.22 18.19
CA VAL A 293 3.47 -13.06 17.65
C VAL A 293 4.21 -12.31 18.77
N LYS A 294 3.53 -11.99 19.86
CA LYS A 294 4.23 -11.34 20.96
C LYS A 294 5.44 -12.16 21.41
N ASP A 295 5.38 -13.50 21.37
CA ASP A 295 6.46 -14.31 21.89
C ASP A 295 7.57 -14.54 20.87
N GLY A 296 7.46 -13.92 19.69
CA GLY A 296 8.54 -13.96 18.73
C GLY A 296 8.36 -14.99 17.60
N TYR A 297 7.16 -15.56 17.45
CA TYR A 297 6.88 -16.48 16.35
C TYR A 297 7.01 -15.75 15.00
N GLN A 298 7.70 -16.40 14.05
CA GLN A 298 7.87 -15.86 12.71
C GLN A 298 7.55 -16.95 11.72
N MET A 299 6.95 -16.55 10.60
CA MET A 299 6.70 -17.45 9.50
C MET A 299 8.03 -18.00 9.01
N ALA A 300 7.96 -19.21 8.44
CA ALA A 300 9.08 -19.90 7.85
C ALA A 300 9.43 -19.27 6.51
N GLN A 301 10.68 -19.51 6.14
CA GLN A 301 11.21 -19.09 4.87
C GLN A 301 10.33 -19.59 3.73
N PRO A 302 9.86 -18.73 2.81
CA PRO A 302 9.14 -19.22 1.63
C PRO A 302 10.05 -20.07 0.73
N ALA A 303 9.41 -20.96 -0.04
CA ALA A 303 10.09 -21.91 -0.90
C ALA A 303 11.00 -21.19 -1.89
N PHE A 304 10.58 -20.03 -2.40
CA PHE A 304 11.32 -19.36 -3.46
C PHE A 304 12.15 -18.20 -2.93
N ALA A 305 12.20 -18.00 -1.60
CA ALA A 305 13.03 -16.94 -1.06
C ALA A 305 14.47 -17.39 -0.87
N PRO A 306 15.46 -16.66 -1.45
CA PRO A 306 16.85 -16.83 -1.07
C PRO A 306 17.00 -16.48 0.40
N LYS A 307 18.03 -17.04 1.05
CA LYS A 307 18.28 -16.78 2.45
C LYS A 307 18.42 -15.28 2.75
N ASN A 308 19.12 -14.54 1.88
CA ASN A 308 19.30 -13.11 2.04
C ASN A 308 17.97 -12.36 2.07
N ILE A 309 17.00 -12.80 1.28
CA ILE A 309 15.67 -12.16 1.27
C ILE A 309 14.88 -12.50 2.54
N TYR A 310 14.99 -13.76 2.96
CA TYR A 310 14.42 -14.17 4.24
C TYR A 310 15.01 -13.33 5.38
N SER A 311 16.30 -12.99 5.26
N SER A 311 16.30 -12.98 5.30
CA SER A 311 16.94 -12.20 6.29
CA SER A 311 16.90 -12.20 6.35
C SER A 311 16.32 -10.80 6.39
C SER A 311 16.29 -10.80 6.42
N ILE A 312 15.83 -10.27 5.27
CA ILE A 312 15.09 -9.00 5.27
C ILE A 312 13.80 -9.17 6.06
N MET A 313 13.07 -10.28 5.82
CA MET A 313 11.82 -10.51 6.51
C MET A 313 12.07 -10.57 8.02
N GLN A 314 13.08 -11.34 8.42
CA GLN A 314 13.39 -11.54 9.83
C GLN A 314 13.71 -10.21 10.51
N ALA A 315 14.42 -9.34 9.79
CA ALA A 315 14.77 -8.03 10.30
C ALA A 315 13.53 -7.12 10.46
N CYS A 316 12.65 -7.16 9.47
CA CYS A 316 11.39 -6.44 9.52
C CYS A 316 10.56 -6.90 10.71
N TRP A 317 10.72 -8.17 11.11
CA TRP A 317 9.92 -8.74 12.18
C TRP A 317 10.60 -8.64 13.56
N ALA A 318 11.60 -7.77 13.71
CA ALA A 318 12.16 -7.56 15.05
C ALA A 318 11.05 -7.05 15.97
N LEU A 319 10.95 -7.61 17.17
CA LEU A 319 9.89 -7.18 18.05
C LEU A 319 10.07 -5.73 18.50
N GLU A 320 11.31 -5.30 18.69
CA GLU A 320 11.57 -3.91 19.06
C GLU A 320 11.57 -3.06 17.81
N PRO A 321 10.65 -2.09 17.66
CA PRO A 321 10.53 -1.34 16.42
C PRO A 321 11.80 -0.65 15.98
N THR A 322 12.59 -0.16 16.95
CA THR A 322 13.82 0.53 16.66
C THR A 322 14.90 -0.41 16.15
N HIS A 323 14.76 -1.73 16.30
CA HIS A 323 15.75 -2.64 15.74
C HIS A 323 15.45 -3.05 14.30
N ARG A 324 14.30 -2.65 13.73
CA ARG A 324 13.97 -2.95 12.36
C ARG A 324 14.76 -2.05 11.44
N PRO A 325 15.01 -2.48 10.20
CA PRO A 325 15.67 -1.61 9.24
C PRO A 325 14.76 -0.48 8.81
N THR A 326 15.35 0.57 8.21
CA THR A 326 14.59 1.61 7.52
C THR A 326 14.25 1.13 6.11
N PHE A 327 13.30 1.79 5.46
CA PHE A 327 13.04 1.47 4.07
C PHE A 327 14.25 1.77 3.19
N GLN A 328 15.02 2.82 3.50
CA GLN A 328 16.21 3.08 2.70
C GLN A 328 17.21 1.92 2.83
N GLN A 329 17.40 1.38 4.04
CA GLN A 329 18.31 0.26 4.25
C GLN A 329 17.86 -0.97 3.44
N ILE A 330 16.54 -1.20 3.45
CA ILE A 330 15.96 -2.28 2.69
C ILE A 330 16.26 -2.03 1.22
N CYS A 331 15.97 -0.82 0.72
CA CYS A 331 16.18 -0.55 -0.71
C CYS A 331 17.63 -0.80 -1.11
N SER A 332 18.57 -0.35 -0.29
N SER A 332 18.55 -0.30 -0.30
CA SER A 332 19.97 -0.44 -0.66
CA SER A 332 19.96 -0.46 -0.58
C SER A 332 20.46 -1.88 -0.54
C SER A 332 20.30 -1.94 -0.68
N PHE A 333 19.85 -2.72 0.32
CA PHE A 333 20.20 -4.14 0.37
C PHE A 333 19.59 -4.87 -0.82
N LEU A 334 18.36 -4.51 -1.18
CA LEU A 334 17.73 -5.17 -2.31
C LEU A 334 18.49 -4.87 -3.59
N GLN A 335 19.03 -3.66 -3.71
CA GLN A 335 19.73 -3.29 -4.94
C GLN A 335 21.01 -4.13 -5.07
N GLU A 336 21.67 -4.48 -3.96
CA GLU A 336 22.78 -5.42 -4.00
C GLU A 336 22.33 -6.81 -4.46
N GLN A 337 21.21 -7.33 -3.93
CA GLN A 337 20.71 -8.63 -4.36
C GLN A 337 20.41 -8.64 -5.85
N ALA A 338 19.93 -7.50 -6.38
CA ALA A 338 19.58 -7.38 -7.79
C ALA A 338 20.84 -7.44 -8.66
N GLN A 339 21.91 -6.74 -8.24
CA GLN A 339 23.18 -6.80 -8.95
C GLN A 339 23.70 -8.24 -9.00
N GLU A 340 23.64 -8.94 -7.85
CA GLU A 340 24.10 -10.31 -7.76
C GLU A 340 23.37 -11.20 -8.76
N ASP A 341 22.04 -11.07 -8.82
CA ASP A 341 21.24 -11.84 -9.76
C ASP A 341 21.67 -11.52 -11.20
N ARG A 342 22.00 -10.24 -11.48
CA ARG A 342 22.37 -9.80 -12.83
C ARG A 342 23.71 -10.39 -13.25
N ARG A 343 24.65 -10.45 -12.32
CA ARG A 343 25.98 -10.97 -12.58
C ARG A 343 25.90 -12.39 -13.18
#